data_1W2H
#
_entry.id   1W2H
#
_cell.length_a   64.521
_cell.length_b   64.521
_cell.length_c   195.366
_cell.angle_alpha   90.00
_cell.angle_beta   90.00
_cell.angle_gamma   120.00
#
_symmetry.space_group_name_H-M   'P 31 2 1'
#
loop_
_entity.id
_entity.type
_entity.pdbx_description
1 polymer 'THYMIDYLATE KINASE TMK'
2 non-polymer "3'-AZIDO-3'-DEOXYTHYMIDINE-5'-MONOPHOSPHATE"
3 non-polymer 'ACETATE ION'
4 water water
#
_entity_poly.entity_id   1
_entity_poly.type   'polypeptide(L)'
_entity_poly.pdbx_seq_one_letter_code
;MLIAIEGVDGAGKRTLVEKLSGAFRAAGRSVATLAFPRYGQSVAADIAAEALHGEHGDLASSVYAMATLFALDRAGAVHT
IQGLCRGYDVVILDRYVASNAAYSAARLHENAAGKAAAWVQRIEFARLGLPKPDWQVLLAVSAELAGERSRGRAQRDPGR
ARDNYERDAELQQRTGAVYAELAAQGWGGRWLVVGADVDPGRLAATLAPPDVPS
;
_entity_poly.pdbx_strand_id   A,B
#
loop_
_chem_comp.id
_chem_comp.type
_chem_comp.name
_chem_comp.formula
ACT non-polymer 'ACETATE ION' 'C2 H3 O2 -1'
ATM DNA linking 3'-AZIDO-3'-DEOXYTHYMIDINE-5'-MONOPHOSPHATE 'C10 H14 N5 O7 P'
#
# COMPACT_ATOMS: atom_id res chain seq x y z
N MET A 1 -16.17 21.20 11.87
CA MET A 1 -15.42 20.51 12.97
C MET A 1 -15.25 19.03 12.66
N LEU A 2 -14.04 18.52 12.84
CA LEU A 2 -13.79 17.11 12.58
C LEU A 2 -13.58 16.36 13.88
N ILE A 3 -14.40 15.34 14.09
CA ILE A 3 -14.33 14.55 15.31
C ILE A 3 -14.07 13.09 15.02
N ALA A 4 -13.09 12.53 15.71
CA ALA A 4 -12.75 11.12 15.57
C ALA A 4 -13.17 10.38 16.83
N ILE A 5 -13.83 9.24 16.66
CA ILE A 5 -14.25 8.43 17.80
C ILE A 5 -13.29 7.25 17.81
N GLU A 6 -12.56 7.10 18.92
CA GLU A 6 -11.56 6.05 19.04
C GLU A 6 -11.82 5.07 20.18
N GLY A 7 -11.14 3.94 20.13
CA GLY A 7 -11.30 2.93 21.16
C GLY A 7 -11.05 1.53 20.65
N VAL A 8 -10.94 0.56 21.55
CA VAL A 8 -10.69 -0.82 21.16
C VAL A 8 -11.95 -1.41 20.53
N ASP A 9 -11.82 -2.58 19.93
CA ASP A 9 -12.98 -3.21 19.31
C ASP A 9 -13.93 -3.65 20.42
N GLY A 10 -15.21 -3.33 20.27
CA GLY A 10 -16.18 -3.70 21.26
C GLY A 10 -16.40 -2.61 22.29
N ALA A 11 -15.67 -1.50 22.15
CA ALA A 11 -15.78 -0.38 23.08
C ALA A 11 -17.16 0.27 23.02
N GLY A 12 -17.80 0.21 21.86
CA GLY A 12 -19.11 0.81 21.68
C GLY A 12 -19.07 2.07 20.82
N LYS A 13 -18.05 2.16 19.96
CA LYS A 13 -17.87 3.33 19.10
C LYS A 13 -18.98 3.59 18.09
N ARG A 14 -19.40 2.55 17.39
CA ARG A 14 -20.43 2.68 16.37
C ARG A 14 -21.67 3.33 17.00
N THR A 15 -22.05 2.85 18.17
CA THR A 15 -23.21 3.37 18.88
C THR A 15 -23.02 4.81 19.36
N LEU A 16 -21.87 5.11 19.93
CA LEU A 16 -21.59 6.45 20.39
C LEU A 16 -21.61 7.44 19.22
N VAL A 17 -21.22 6.95 18.04
CA VAL A 17 -21.22 7.81 16.86
C VAL A 17 -22.64 8.30 16.60
N GLU A 18 -23.59 7.38 16.54
N GLU A 18 -23.60 7.39 16.56
CA GLU A 18 -25.00 7.73 16.33
CA GLU A 18 -25.00 7.75 16.31
C GLU A 18 -25.55 8.70 17.37
C GLU A 18 -25.55 8.70 17.37
N LYS A 19 -25.29 8.40 18.65
CA LYS A 19 -25.78 9.24 19.74
C LYS A 19 -25.23 10.65 19.64
N LEU A 20 -23.92 10.77 19.45
CA LEU A 20 -23.32 12.09 19.35
C LEU A 20 -23.89 12.81 18.14
N SER A 21 -24.09 12.09 17.04
CA SER A 21 -24.65 12.68 15.83
C SER A 21 -26.06 13.19 16.13
N GLY A 22 -26.84 12.36 16.81
CA GLY A 22 -28.18 12.73 17.18
C GLY A 22 -28.20 14.00 18.02
N ALA A 23 -27.27 14.10 18.96
CA ALA A 23 -27.20 15.28 19.82
C ALA A 23 -26.85 16.55 19.05
N PHE A 24 -25.88 16.46 18.14
CA PHE A 24 -25.48 17.62 17.35
C PHE A 24 -26.62 18.13 16.47
N ARG A 25 -27.40 17.20 15.92
CA ARG A 25 -28.52 17.56 15.06
C ARG A 25 -29.59 18.26 15.89
N ALA A 26 -29.87 17.72 17.07
CA ALA A 26 -30.87 18.31 17.94
C ALA A 26 -30.45 19.74 18.28
N ALA A 27 -29.14 20.00 18.28
CA ALA A 27 -28.65 21.33 18.59
C ALA A 27 -28.56 22.24 17.36
N GLY A 28 -29.12 21.78 16.24
CA GLY A 28 -29.11 22.61 15.04
C GLY A 28 -27.86 22.59 14.17
N ARG A 29 -27.22 21.44 14.08
CA ARG A 29 -26.02 21.31 13.24
C ARG A 29 -26.14 20.09 12.34
N SER A 30 -25.55 20.17 11.15
CA SER A 30 -25.59 19.05 10.23
C SER A 30 -24.46 18.11 10.57
N VAL A 31 -24.69 16.81 10.38
CA VAL A 31 -23.67 15.84 10.69
C VAL A 31 -23.58 14.71 9.70
N ALA A 32 -22.37 14.42 9.25
CA ALA A 32 -22.11 13.32 8.34
C ALA A 32 -21.07 12.45 9.04
N THR A 33 -21.14 11.15 8.85
CA THR A 33 -20.18 10.26 9.47
C THR A 33 -19.54 9.36 8.42
N LEU A 34 -18.39 8.79 8.79
CA LEU A 34 -17.65 7.90 7.90
C LEU A 34 -16.89 6.96 8.81
N ALA A 35 -16.85 5.68 8.45
CA ALA A 35 -16.15 4.69 9.27
C ALA A 35 -14.92 4.09 8.59
N PHE A 36 -13.92 3.75 9.39
CA PHE A 36 -12.70 3.14 8.91
C PHE A 36 -12.46 1.86 9.70
N PRO A 37 -11.92 0.81 9.04
CA PRO A 37 -11.53 0.74 7.63
C PRO A 37 -12.74 0.76 6.70
N ARG A 38 -12.57 1.30 5.50
CA ARG A 38 -13.68 1.36 4.56
C ARG A 38 -13.81 0.06 3.79
N TYR A 39 -14.15 -1.02 4.49
CA TYR A 39 -14.30 -2.32 3.86
C TYR A 39 -15.28 -2.24 2.69
N GLY A 40 -14.90 -2.85 1.58
CA GLY A 40 -15.76 -2.85 0.41
C GLY A 40 -15.63 -1.57 -0.41
N GLN A 41 -14.92 -0.59 0.13
CA GLN A 41 -14.76 0.68 -0.57
C GLN A 41 -13.33 0.98 -1.01
N SER A 42 -12.38 0.15 -0.60
CA SER A 42 -11.00 0.35 -0.99
C SER A 42 -10.25 -0.97 -0.89
N VAL A 43 -9.40 -1.23 -1.88
CA VAL A 43 -8.63 -2.47 -1.93
C VAL A 43 -7.70 -2.59 -0.73
N ALA A 44 -7.12 -1.47 -0.32
CA ALA A 44 -6.21 -1.43 0.81
C ALA A 44 -6.91 -1.96 2.05
N ALA A 45 -8.12 -1.47 2.29
CA ALA A 45 -8.88 -1.91 3.45
C ALA A 45 -9.27 -3.38 3.35
N ASP A 46 -9.64 -3.83 2.17
CA ASP A 46 -10.06 -5.22 1.97
C ASP A 46 -8.89 -6.21 2.08
N ILE A 47 -7.71 -5.80 1.63
CA ILE A 47 -6.55 -6.68 1.71
C ILE A 47 -6.14 -6.78 3.19
N ALA A 48 -6.20 -5.66 3.89
CA ALA A 48 -5.85 -5.62 5.30
C ALA A 48 -6.75 -6.59 6.07
N ALA A 49 -8.06 -6.51 5.84
CA ALA A 49 -8.99 -7.39 6.53
C ALA A 49 -8.68 -8.84 6.23
N GLU A 50 -8.45 -9.15 4.96
CA GLU A 50 -8.11 -10.52 4.55
C GLU A 50 -6.79 -10.96 5.16
N ALA A 51 -5.83 -10.05 5.18
CA ALA A 51 -4.52 -10.36 5.74
C ALA A 51 -4.73 -10.74 7.20
N LEU A 52 -5.63 -10.03 7.86
CA LEU A 52 -5.90 -10.32 9.27
C LEU A 52 -6.65 -11.63 9.44
N HIS A 53 -7.17 -12.19 8.35
CA HIS A 53 -7.87 -13.46 8.42
C HIS A 53 -6.99 -14.60 7.89
N GLY A 54 -5.69 -14.37 7.87
CA GLY A 54 -4.75 -15.38 7.42
C GLY A 54 -4.47 -15.45 5.94
N GLU A 55 -4.83 -14.41 5.20
CA GLU A 55 -4.57 -14.41 3.77
C GLU A 55 -3.36 -13.54 3.48
N HIS A 56 -2.88 -13.63 2.23
CA HIS A 56 -1.75 -12.84 1.78
C HIS A 56 -0.44 -13.10 2.50
N GLY A 57 -0.07 -14.38 2.57
CA GLY A 57 1.18 -14.79 3.19
C GLY A 57 1.59 -14.16 4.50
N ASP A 58 2.79 -13.59 4.51
CA ASP A 58 3.36 -12.97 5.71
C ASP A 58 3.04 -11.49 5.88
N LEU A 59 2.11 -10.97 5.08
CA LEU A 59 1.74 -9.56 5.14
C LEU A 59 1.39 -9.11 6.57
N ALA A 60 0.47 -9.82 7.20
CA ALA A 60 0.04 -9.47 8.55
C ALA A 60 1.16 -9.49 9.58
N SER A 61 2.23 -10.22 9.32
CA SER A 61 3.33 -10.31 10.28
C SER A 61 4.10 -8.99 10.43
N SER A 62 3.89 -8.06 9.50
CA SER A 62 4.56 -6.76 9.57
C SER A 62 3.63 -5.68 10.11
N VAL A 63 4.00 -5.11 11.25
CA VAL A 63 3.21 -4.06 11.87
C VAL A 63 3.07 -2.85 10.96
N TYR A 64 4.19 -2.37 10.41
CA TYR A 64 4.19 -1.21 9.53
C TYR A 64 3.51 -1.44 8.19
N ALA A 65 3.43 -2.69 7.75
CA ALA A 65 2.76 -3.03 6.50
C ALA A 65 1.25 -2.91 6.73
N MET A 66 0.78 -3.43 7.86
CA MET A 66 -0.65 -3.33 8.17
C MET A 66 -1.02 -1.87 8.36
N ALA A 67 -0.18 -1.15 9.08
CA ALA A 67 -0.42 0.25 9.35
C ALA A 67 -0.48 1.02 8.03
N THR A 68 0.43 0.69 7.12
CA THR A 68 0.45 1.37 5.84
C THR A 68 -0.84 1.10 5.08
N LEU A 69 -1.33 -0.14 5.13
CA LEU A 69 -2.58 -0.46 4.43
C LEU A 69 -3.75 0.39 4.93
N PHE A 70 -3.88 0.51 6.25
CA PHE A 70 -4.96 1.31 6.82
C PHE A 70 -4.76 2.78 6.49
N ALA A 71 -3.51 3.21 6.35
CA ALA A 71 -3.25 4.61 6.01
C ALA A 71 -3.59 4.85 4.54
N LEU A 72 -3.22 3.92 3.66
CA LEU A 72 -3.53 4.11 2.26
C LEU A 72 -5.04 4.16 2.07
N ASP A 73 -5.76 3.45 2.92
CA ASP A 73 -7.21 3.44 2.88
C ASP A 73 -7.73 4.84 3.20
N ARG A 74 -7.21 5.44 4.26
CA ARG A 74 -7.63 6.77 4.63
C ARG A 74 -7.19 7.76 3.54
N ALA A 75 -6.02 7.54 2.97
CA ALA A 75 -5.53 8.43 1.91
C ALA A 75 -6.55 8.54 0.78
N GLY A 76 -7.15 7.41 0.44
CA GLY A 76 -8.15 7.37 -0.63
C GLY A 76 -9.48 7.99 -0.25
N ALA A 77 -9.61 8.39 1.01
CA ALA A 77 -10.85 8.99 1.48
C ALA A 77 -10.68 10.48 1.74
N VAL A 78 -9.50 11.02 1.43
CA VAL A 78 -9.26 12.45 1.66
C VAL A 78 -10.28 13.33 0.96
N HIS A 79 -10.50 13.08 -0.32
N HIS A 79 -10.49 13.07 -0.33
CA HIS A 79 -11.45 13.85 -1.11
CA HIS A 79 -11.44 13.85 -1.10
C HIS A 79 -12.82 13.79 -0.45
C HIS A 79 -12.82 13.78 -0.46
N THR A 80 -13.18 12.61 0.06
CA THR A 80 -14.47 12.44 0.71
C THR A 80 -14.52 13.27 1.98
N ILE A 81 -13.50 13.14 2.82
CA ILE A 81 -13.45 13.88 4.08
C ILE A 81 -13.50 15.37 3.85
N GLN A 82 -12.79 15.84 2.83
CA GLN A 82 -12.77 17.26 2.53
C GLN A 82 -14.15 17.69 2.07
N GLY A 83 -14.84 16.81 1.35
CA GLY A 83 -16.17 17.10 0.89
C GLY A 83 -17.15 17.22 2.05
N LEU A 84 -17.13 16.24 2.96
CA LEU A 84 -18.01 16.28 4.12
C LEU A 84 -17.70 17.52 4.96
N CYS A 85 -16.43 17.88 5.10
CA CYS A 85 -16.02 19.05 5.89
C CYS A 85 -16.50 20.38 5.31
N ARG A 86 -16.74 20.41 4.01
CA ARG A 86 -17.23 21.63 3.38
C ARG A 86 -18.74 21.68 3.41
N GLY A 87 -19.39 20.52 3.43
CA GLY A 87 -20.83 20.48 3.42
C GLY A 87 -21.52 20.44 4.77
N TYR A 88 -20.94 19.74 5.73
CA TYR A 88 -21.52 19.60 7.06
C TYR A 88 -20.77 20.32 8.18
N ASP A 89 -21.50 20.76 9.19
CA ASP A 89 -20.90 21.45 10.32
C ASP A 89 -20.01 20.52 11.15
N VAL A 90 -20.40 19.26 11.24
CA VAL A 90 -19.67 18.27 12.02
C VAL A 90 -19.50 16.96 11.26
N VAL A 91 -18.26 16.48 11.18
CA VAL A 91 -17.99 15.22 10.53
C VAL A 91 -17.45 14.30 11.61
N ILE A 92 -18.13 13.17 11.83
CA ILE A 92 -17.73 12.21 12.84
C ILE A 92 -17.19 10.94 12.20
N LEU A 93 -15.94 10.61 12.53
CA LEU A 93 -15.30 9.43 11.99
C LEU A 93 -15.26 8.29 13.01
N ASP A 94 -15.72 7.12 12.60
CA ASP A 94 -15.73 5.94 13.47
C ASP A 94 -14.35 5.30 13.22
N ARG A 95 -13.39 5.68 14.07
CA ARG A 95 -11.99 5.27 13.98
C ARG A 95 -11.31 6.23 13.00
N TYR A 96 -10.07 6.61 13.31
CA TYR A 96 -9.32 7.51 12.46
C TYR A 96 -7.84 7.22 12.60
N VAL A 97 -7.01 8.24 12.41
CA VAL A 97 -5.58 8.09 12.46
C VAL A 97 -5.01 7.55 13.76
N ALA A 98 -5.64 7.85 14.90
CA ALA A 98 -5.13 7.35 16.18
C ALA A 98 -5.29 5.84 16.31
N SER A 99 -6.21 5.23 15.56
CA SER A 99 -6.38 3.77 15.66
C SER A 99 -5.10 3.07 15.17
N ASN A 100 -4.43 3.69 14.21
CA ASN A 100 -3.20 3.14 13.65
C ASN A 100 -2.06 3.36 14.63
N ALA A 101 -2.06 4.53 15.29
CA ALA A 101 -1.02 4.85 16.26
C ALA A 101 -1.11 3.90 17.45
N ALA A 102 -2.33 3.68 17.93
CA ALA A 102 -2.56 2.83 19.09
C ALA A 102 -2.31 1.34 18.86
N TYR A 103 -2.88 0.78 17.79
CA TYR A 103 -2.70 -0.64 17.53
C TYR A 103 -1.28 -0.99 17.08
N SER A 104 -0.61 -0.08 16.38
CA SER A 104 0.74 -0.36 15.91
C SER A 104 1.72 -0.42 17.07
N ALA A 105 1.63 0.55 17.98
CA ALA A 105 2.47 0.59 19.15
C ALA A 105 2.25 -0.65 20.01
N ALA A 106 0.98 -0.99 20.23
CA ALA A 106 0.64 -2.15 21.04
C ALA A 106 1.24 -3.44 20.49
N ARG A 107 1.13 -3.64 19.17
CA ARG A 107 1.70 -4.83 18.55
C ARG A 107 3.21 -4.85 18.76
N LEU A 108 3.82 -3.68 18.83
CA LEU A 108 5.26 -3.54 19.00
C LEU A 108 5.67 -3.38 20.47
N HIS A 109 4.71 -3.52 21.38
CA HIS A 109 5.00 -3.35 22.80
C HIS A 109 5.67 -2.02 23.07
N GLU A 110 5.21 -0.99 22.36
CA GLU A 110 5.72 0.37 22.52
C GLU A 110 4.65 1.13 23.29
N ASN A 111 4.92 2.40 23.57
CA ASN A 111 3.91 3.21 24.24
C ASN A 111 3.56 4.40 23.36
N ALA A 112 2.59 5.20 23.79
CA ALA A 112 2.14 6.36 23.03
C ALA A 112 3.25 7.32 22.63
N ALA A 113 4.34 7.36 23.40
CA ALA A 113 5.44 8.26 23.07
C ALA A 113 6.48 7.57 22.19
N GLY A 114 6.16 6.35 21.74
CA GLY A 114 7.09 5.59 20.92
C GLY A 114 7.28 6.01 19.48
N LYS A 115 8.03 5.20 18.75
CA LYS A 115 8.33 5.48 17.35
C LYS A 115 7.18 5.23 16.39
N ALA A 116 6.48 4.11 16.56
CA ALA A 116 5.35 3.80 15.69
C ALA A 116 4.28 4.89 15.73
N ALA A 117 4.01 5.43 16.91
CA ALA A 117 2.99 6.46 17.06
C ALA A 117 3.50 7.77 16.45
N ALA A 118 4.80 7.99 16.52
CA ALA A 118 5.38 9.21 15.95
C ALA A 118 5.34 9.08 14.44
N TRP A 119 5.67 7.88 13.97
CA TRP A 119 5.67 7.57 12.55
C TRP A 119 4.29 7.77 11.93
N VAL A 120 3.24 7.34 12.63
CA VAL A 120 1.90 7.49 12.12
C VAL A 120 1.55 8.94 11.81
N GLN A 121 1.97 9.86 12.67
CA GLN A 121 1.70 11.27 12.46
C GLN A 121 2.41 11.83 11.22
N ARG A 122 3.69 11.49 11.05
CA ARG A 122 4.49 11.95 9.92
C ARG A 122 3.94 11.45 8.59
N ILE A 123 3.44 10.21 8.60
CA ILE A 123 2.91 9.59 7.41
C ILE A 123 1.50 10.07 7.03
N GLU A 124 0.53 9.81 7.90
CA GLU A 124 -0.86 10.16 7.64
C GLU A 124 -1.20 11.64 7.56
N PHE A 125 -0.77 12.42 8.54
CA PHE A 125 -1.09 13.84 8.54
C PHE A 125 -0.36 14.71 7.52
N ALA A 126 0.94 14.50 7.37
CA ALA A 126 1.71 15.31 6.43
C ALA A 126 1.87 14.72 5.03
N ARG A 127 2.38 13.51 4.93
CA ARG A 127 2.58 12.89 3.62
C ARG A 127 1.30 12.51 2.90
N LEU A 128 0.29 12.03 3.63
CA LEU A 128 -0.96 11.65 2.99
C LEU A 128 -2.00 12.76 2.99
N GLY A 129 -1.78 13.77 3.82
CA GLY A 129 -2.71 14.89 3.89
C GLY A 129 -4.03 14.68 4.62
N LEU A 130 -4.08 13.73 5.55
CA LEU A 130 -5.32 13.52 6.30
C LEU A 130 -5.50 14.66 7.28
N PRO A 131 -6.69 15.27 7.31
CA PRO A 131 -6.96 16.39 8.21
C PRO A 131 -6.80 15.98 9.68
N LYS A 132 -6.13 16.81 10.47
CA LYS A 132 -5.97 16.52 11.90
C LYS A 132 -7.31 16.82 12.57
N PRO A 133 -7.87 15.84 13.28
CA PRO A 133 -9.15 16.02 13.97
C PRO A 133 -9.14 17.08 15.06
N ASP A 134 -10.20 17.90 15.10
CA ASP A 134 -10.33 18.95 16.10
C ASP A 134 -10.42 18.28 17.47
N TRP A 135 -11.19 17.20 17.54
CA TRP A 135 -11.36 16.46 18.77
C TRP A 135 -11.22 14.97 18.54
N GLN A 136 -10.58 14.29 19.48
CA GLN A 136 -10.45 12.84 19.39
C GLN A 136 -11.10 12.34 20.68
N VAL A 137 -12.23 11.68 20.53
CA VAL A 137 -13.01 11.18 21.65
C VAL A 137 -12.73 9.71 21.92
N LEU A 138 -12.05 9.46 23.03
CA LEU A 138 -11.72 8.09 23.40
C LEU A 138 -12.81 7.47 24.24
N LEU A 139 -13.41 6.39 23.73
CA LEU A 139 -14.43 5.69 24.47
C LEU A 139 -13.62 4.62 25.21
N ALA A 140 -12.98 5.04 26.30
CA ALA A 140 -12.13 4.18 27.11
C ALA A 140 -12.87 3.03 27.77
N VAL A 141 -12.30 1.84 27.67
CA VAL A 141 -12.88 0.66 28.28
C VAL A 141 -11.74 -0.21 28.84
N SER A 142 -11.91 -0.71 30.06
CA SER A 142 -10.89 -1.55 30.65
C SER A 142 -10.86 -2.87 29.89
N ALA A 143 -9.75 -3.59 30.01
CA ALA A 143 -9.61 -4.86 29.35
C ALA A 143 -10.72 -5.79 29.83
N GLU A 144 -11.02 -5.72 31.12
CA GLU A 144 -12.09 -6.54 31.71
C GLU A 144 -13.44 -6.23 31.07
N LEU A 145 -13.81 -4.96 31.05
CA LEU A 145 -15.10 -4.55 30.49
C LEU A 145 -15.18 -4.86 29.00
N ALA A 146 -14.05 -4.76 28.30
CA ALA A 146 -14.01 -5.04 26.88
C ALA A 146 -14.26 -6.52 26.64
N GLY A 147 -13.66 -7.35 27.48
CA GLY A 147 -13.83 -8.78 27.34
C GLY A 147 -15.31 -9.12 27.39
N GLU A 148 -16.02 -8.51 28.33
CA GLU A 148 -17.45 -8.75 28.48
C GLU A 148 -18.18 -8.38 27.19
N ARG A 149 -17.95 -7.16 26.71
CA ARG A 149 -18.60 -6.70 25.49
C ARG A 149 -17.59 -6.57 24.35
N ASP A 168 -8.12 -10.63 20.31
CA ASP A 168 -6.84 -10.84 20.99
C ASP A 168 -6.72 -9.97 22.25
N ALA A 169 -7.18 -10.52 23.37
CA ALA A 169 -7.17 -9.80 24.64
C ALA A 169 -5.88 -9.02 24.95
N GLU A 170 -4.73 -9.66 24.89
CA GLU A 170 -3.48 -8.97 25.21
C GLU A 170 -3.13 -7.80 24.34
N LEU A 171 -3.30 -7.96 23.03
CA LEU A 171 -3.03 -6.87 22.11
C LEU A 171 -4.09 -5.82 22.40
N GLN A 172 -5.33 -6.26 22.54
CA GLN A 172 -6.45 -5.34 22.81
C GLN A 172 -6.19 -4.55 24.10
N GLN A 173 -5.76 -5.25 25.15
CA GLN A 173 -5.48 -4.63 26.44
C GLN A 173 -4.37 -3.59 26.28
N ARG A 174 -3.26 -3.99 25.65
CA ARG A 174 -2.15 -3.07 25.44
C ARG A 174 -2.58 -1.89 24.57
N THR A 175 -3.46 -2.15 23.62
CA THR A 175 -3.95 -1.09 22.73
C THR A 175 -4.73 -0.10 23.57
N GLY A 176 -5.53 -0.62 24.50
CA GLY A 176 -6.29 0.26 25.36
C GLY A 176 -5.38 1.18 26.15
N ALA A 177 -4.24 0.64 26.58
CA ALA A 177 -3.25 1.37 27.36
C ALA A 177 -2.58 2.46 26.53
N VAL A 178 -2.24 2.14 25.29
CA VAL A 178 -1.61 3.13 24.43
C VAL A 178 -2.62 4.27 24.24
N TYR A 179 -3.88 3.90 24.00
CA TYR A 179 -4.96 4.88 23.82
C TYR A 179 -5.07 5.83 25.01
N ALA A 180 -5.12 5.27 26.22
CA ALA A 180 -5.22 6.12 27.41
C ALA A 180 -4.10 7.15 27.39
N GLU A 181 -2.89 6.70 27.06
CA GLU A 181 -1.75 7.60 27.03
C GLU A 181 -1.78 8.56 25.84
N LEU A 182 -2.26 8.10 24.69
CA LEU A 182 -2.35 8.97 23.52
C LEU A 182 -3.20 10.19 23.89
N ALA A 183 -4.35 9.91 24.51
CA ALA A 183 -5.28 10.96 24.91
C ALA A 183 -4.70 11.91 25.95
N ALA A 184 -3.98 11.35 26.94
CA ALA A 184 -3.38 12.16 27.98
C ALA A 184 -2.29 13.06 27.42
N GLN A 185 -1.62 12.59 26.37
CA GLN A 185 -0.53 13.37 25.79
C GLN A 185 -0.95 14.29 24.64
N GLY A 186 -2.25 14.36 24.36
CA GLY A 186 -2.71 15.21 23.28
C GLY A 186 -2.09 14.82 21.95
N TRP A 187 -2.01 13.54 21.68
CA TRP A 187 -1.42 13.06 20.43
C TRP A 187 -2.27 13.57 19.27
N GLY A 188 -1.64 14.29 18.35
CA GLY A 188 -2.36 14.82 17.20
C GLY A 188 -3.42 15.85 17.50
N GLY A 189 -3.63 16.18 18.77
CA GLY A 189 -4.64 17.16 19.09
C GLY A 189 -5.31 16.96 20.44
N ARG A 190 -6.42 17.67 20.64
CA ARG A 190 -7.17 17.57 21.90
C ARG A 190 -8.01 16.31 21.97
N TRP A 191 -7.96 15.65 23.12
CA TRP A 191 -8.70 14.44 23.36
C TRP A 191 -9.73 14.65 24.46
N LEU A 192 -10.70 13.75 24.51
CA LEU A 192 -11.73 13.78 25.54
C LEU A 192 -12.01 12.31 25.83
N VAL A 193 -12.01 11.92 27.09
CA VAL A 193 -12.28 10.53 27.42
C VAL A 193 -13.69 10.42 27.96
N VAL A 194 -14.43 9.44 27.47
CA VAL A 194 -15.82 9.27 27.90
C VAL A 194 -16.18 7.79 28.03
N GLY A 195 -17.33 7.54 28.66
CA GLY A 195 -17.82 6.18 28.83
C GLY A 195 -18.96 6.03 27.83
N ALA A 196 -19.38 4.80 27.58
CA ALA A 196 -20.44 4.55 26.62
C ALA A 196 -21.77 5.20 27.02
N ASP A 197 -21.92 5.47 28.30
CA ASP A 197 -23.13 6.09 28.84
C ASP A 197 -23.13 7.62 28.79
N VAL A 198 -22.00 8.21 28.42
CA VAL A 198 -21.89 9.67 28.37
C VAL A 198 -23.18 10.30 27.83
N ASP A 199 -23.56 11.44 28.41
CA ASP A 199 -24.78 12.12 27.98
C ASP A 199 -24.55 12.79 26.63
N PRO A 200 -25.19 12.27 25.56
CA PRO A 200 -25.04 12.82 24.21
C PRO A 200 -25.11 14.33 24.14
N GLY A 201 -26.14 14.89 24.76
CA GLY A 201 -26.33 16.33 24.76
C GLY A 201 -25.23 17.12 25.44
N ARG A 202 -24.68 16.60 26.54
CA ARG A 202 -23.62 17.29 27.26
C ARG A 202 -22.34 17.16 26.44
N LEU A 203 -22.13 15.98 25.86
CA LEU A 203 -20.93 15.75 25.05
C LEU A 203 -20.92 16.74 23.88
N ALA A 204 -22.03 16.82 23.16
CA ALA A 204 -22.13 17.73 22.02
C ALA A 204 -21.84 19.17 22.45
N ALA A 205 -22.35 19.56 23.62
CA ALA A 205 -22.12 20.92 24.11
C ALA A 205 -20.66 21.14 24.43
N THR A 206 -20.00 20.10 24.95
CA THR A 206 -18.58 20.20 25.29
C THR A 206 -17.72 20.29 24.04
N LEU A 207 -18.13 19.59 22.99
CA LEU A 207 -17.39 19.57 21.73
C LEU A 207 -17.75 20.72 20.78
N ALA A 208 -18.82 21.45 21.07
CA ALA A 208 -19.24 22.56 20.21
C ALA A 208 -18.10 23.52 19.90
N PRO A 209 -17.43 23.97 20.86
N MET B 1 -0.78 -2.01 -28.47
CA MET B 1 0.12 -3.10 -28.01
C MET B 1 0.83 -2.74 -26.72
N LEU B 2 0.89 -3.69 -25.79
CA LEU B 2 1.54 -3.47 -24.51
C LEU B 2 2.71 -4.43 -24.33
N ILE B 3 3.90 -3.87 -24.22
CA ILE B 3 5.12 -4.67 -24.04
C ILE B 3 5.77 -4.36 -22.70
N ALA B 4 6.11 -5.40 -21.96
CA ALA B 4 6.74 -5.25 -20.66
C ALA B 4 8.17 -5.77 -20.69
N ILE B 5 9.12 -4.95 -20.24
CA ILE B 5 10.52 -5.36 -20.20
C ILE B 5 10.84 -5.83 -18.79
N GLU B 6 11.39 -7.03 -18.67
CA GLU B 6 11.72 -7.59 -17.36
C GLU B 6 13.19 -7.96 -17.27
N GLY B 7 13.65 -8.22 -16.05
CA GLY B 7 15.04 -8.59 -15.84
C GLY B 7 15.47 -8.25 -14.42
N VAL B 8 16.62 -8.75 -14.00
CA VAL B 8 17.11 -8.45 -12.66
C VAL B 8 17.68 -7.03 -12.63
N ASP B 9 17.99 -6.53 -11.45
N ASP B 9 17.98 -6.54 -11.45
CA ASP B 9 18.55 -5.19 -11.31
CA ASP B 9 18.53 -5.20 -11.33
C ASP B 9 19.92 -5.13 -11.99
C ASP B 9 19.90 -5.13 -12.00
N GLY B 10 20.16 -4.06 -12.75
CA GLY B 10 21.43 -3.92 -13.44
C GLY B 10 21.48 -4.73 -14.73
N ALA B 11 20.37 -5.37 -15.08
CA ALA B 11 20.33 -6.17 -16.31
C ALA B 11 20.50 -5.29 -17.54
N GLY B 12 20.08 -4.03 -17.43
CA GLY B 12 20.19 -3.11 -18.55
C GLY B 12 18.86 -2.94 -19.25
N LYS B 13 17.78 -2.91 -18.46
CA LYS B 13 16.43 -2.75 -18.99
C LYS B 13 16.15 -1.34 -19.46
N ARG B 14 16.56 -0.35 -18.67
CA ARG B 14 16.36 1.04 -19.02
C ARG B 14 16.84 1.29 -20.44
N THR B 15 18.07 0.89 -20.73
CA THR B 15 18.66 1.07 -22.05
C THR B 15 17.81 0.43 -23.13
N LEU B 16 17.56 -0.87 -22.98
CA LEU B 16 16.75 -1.61 -23.95
C LEU B 16 15.43 -0.93 -24.24
N VAL B 17 14.83 -0.30 -23.24
CA VAL B 17 13.56 0.39 -23.40
C VAL B 17 13.74 1.58 -24.35
N GLU B 18 14.89 2.25 -24.22
CA GLU B 18 15.18 3.40 -25.08
C GLU B 18 15.40 2.92 -26.51
N LYS B 19 16.29 1.94 -26.67
CA LYS B 19 16.62 1.39 -27.97
C LYS B 19 15.40 0.84 -28.69
N LEU B 20 14.60 0.06 -27.98
CA LEU B 20 13.40 -0.53 -28.56
C LEU B 20 12.42 0.58 -28.93
N SER B 21 12.35 1.60 -28.09
CA SER B 21 11.46 2.74 -28.34
C SER B 21 11.82 3.35 -29.69
N GLY B 22 13.12 3.54 -29.91
CA GLY B 22 13.58 4.12 -31.16
C GLY B 22 13.19 3.30 -32.37
N ALA B 23 13.55 2.01 -32.35
CA ALA B 23 13.24 1.11 -33.46
C ALA B 23 11.76 1.20 -33.85
N PHE B 24 10.89 1.28 -32.84
CA PHE B 24 9.45 1.37 -33.08
C PHE B 24 9.09 2.69 -33.75
N ARG B 25 9.70 3.78 -33.29
CA ARG B 25 9.44 5.10 -33.86
C ARG B 25 9.94 5.17 -35.28
N ALA B 26 11.05 4.51 -35.55
CA ALA B 26 11.64 4.48 -36.89
C ALA B 26 10.67 3.82 -37.84
N ALA B 27 10.06 2.72 -37.41
CA ALA B 27 9.10 1.98 -38.21
C ALA B 27 7.74 2.69 -38.29
N GLY B 28 7.72 3.95 -37.86
CA GLY B 28 6.50 4.74 -37.90
C GLY B 28 5.42 4.38 -36.89
N ARG B 29 5.82 3.95 -35.69
CA ARG B 29 4.84 3.59 -34.68
C ARG B 29 5.03 4.36 -33.38
N SER B 30 4.11 5.29 -33.11
CA SER B 30 4.18 6.11 -31.90
C SER B 30 4.37 5.21 -30.69
N VAL B 31 5.28 5.62 -29.81
CA VAL B 31 5.57 4.84 -28.62
C VAL B 31 5.58 5.65 -27.35
N ALA B 32 5.06 5.04 -26.29
CA ALA B 32 5.02 5.65 -24.97
C ALA B 32 5.64 4.63 -24.01
N THR B 33 6.36 5.12 -23.00
CA THR B 33 6.99 4.23 -22.03
C THR B 33 6.65 4.66 -20.61
N LEU B 34 6.53 3.67 -19.74
CA LEU B 34 6.22 3.91 -18.34
C LEU B 34 7.06 2.94 -17.52
N ALA B 35 7.56 3.40 -16.39
CA ALA B 35 8.39 2.56 -15.54
C ALA B 35 7.77 2.37 -14.17
N PHE B 36 8.03 1.20 -13.59
CA PHE B 36 7.53 0.87 -12.26
C PHE B 36 8.76 0.47 -11.45
N PRO B 37 8.78 0.80 -10.15
CA PRO B 37 7.73 1.52 -9.41
C PRO B 37 7.65 2.96 -9.88
N ARG B 38 6.44 3.52 -9.88
CA ARG B 38 6.26 4.89 -10.33
C ARG B 38 6.67 5.85 -9.22
N TYR B 39 7.96 5.98 -9.00
CA TYR B 39 8.46 6.86 -7.96
C TYR B 39 8.01 8.28 -8.26
N GLY B 40 7.68 9.01 -7.20
CA GLY B 40 7.23 10.39 -7.34
C GLY B 40 5.80 10.53 -7.82
N GLN B 41 5.18 9.42 -8.21
CA GLN B 41 3.80 9.44 -8.70
C GLN B 41 2.89 8.54 -7.89
N SER B 42 3.48 7.86 -6.91
CA SER B 42 2.72 6.93 -6.09
C SER B 42 3.31 6.87 -4.70
N VAL B 43 2.49 7.10 -3.69
CA VAL B 43 2.99 7.05 -2.32
C VAL B 43 3.36 5.60 -2.00
N ALA B 44 2.66 4.65 -2.61
CA ALA B 44 2.95 3.24 -2.39
C ALA B 44 4.36 2.96 -2.89
N ALA B 45 4.69 3.52 -4.06
CA ALA B 45 6.01 3.37 -4.66
C ALA B 45 7.10 4.03 -3.81
N ASP B 46 6.90 5.30 -3.48
CA ASP B 46 7.87 6.03 -2.67
C ASP B 46 8.16 5.34 -1.34
N ILE B 47 7.11 4.87 -0.68
CA ILE B 47 7.27 4.19 0.59
C ILE B 47 7.98 2.85 0.40
N ALA B 48 7.69 2.17 -0.71
CA ALA B 48 8.34 0.89 -0.97
C ALA B 48 9.83 1.13 -1.14
N ALA B 49 10.19 2.20 -1.84
CA ALA B 49 11.59 2.52 -2.07
C ALA B 49 12.30 2.79 -0.76
N GLU B 50 11.68 3.61 0.09
CA GLU B 50 12.30 3.97 1.36
C GLU B 50 12.40 2.77 2.30
N ALA B 51 11.45 1.84 2.17
CA ALA B 51 11.42 0.64 2.99
C ALA B 51 12.56 -0.31 2.66
N LEU B 52 13.01 -0.29 1.41
CA LEU B 52 14.11 -1.17 1.00
C LEU B 52 15.42 -0.56 1.48
N HIS B 53 15.39 0.73 1.77
CA HIS B 53 16.58 1.42 2.27
C HIS B 53 16.57 1.49 3.79
N GLY B 54 15.81 0.59 4.43
CA GLY B 54 15.77 0.56 5.88
C GLY B 54 14.77 1.43 6.64
N GLU B 55 13.87 2.11 5.95
CA GLU B 55 12.89 2.94 6.65
C GLU B 55 11.57 2.20 6.84
N HIS B 56 10.65 2.83 7.57
CA HIS B 56 9.33 2.22 7.82
C HIS B 56 9.39 0.88 8.54
N GLY B 57 10.13 0.87 9.65
CA GLY B 57 10.26 -0.30 10.50
C GLY B 57 10.42 -1.66 9.86
N ASP B 58 9.48 -2.55 10.16
CA ASP B 58 9.55 -3.92 9.66
C ASP B 58 8.83 -4.13 8.32
N LEU B 59 8.55 -3.03 7.62
CA LEU B 59 7.83 -3.12 6.35
C LEU B 59 8.49 -4.10 5.37
N ALA B 60 9.74 -3.80 5.00
CA ALA B 60 10.48 -4.60 4.05
C ALA B 60 10.69 -6.07 4.43
N SER B 61 10.48 -6.41 5.70
CA SER B 61 10.70 -7.78 6.17
C SER B 61 9.58 -8.73 5.73
N SER B 62 8.49 -8.15 5.24
CA SER B 62 7.37 -8.96 4.76
C SER B 62 7.42 -9.05 3.24
N VAL B 63 7.58 -10.27 2.74
CA VAL B 63 7.65 -10.49 1.30
C VAL B 63 6.36 -10.03 0.62
N TYR B 64 5.22 -10.44 1.16
CA TYR B 64 3.92 -10.11 0.60
C TYR B 64 3.53 -8.64 0.78
N ALA B 65 4.02 -8.00 1.83
CA ALA B 65 3.71 -6.60 2.06
C ALA B 65 4.37 -5.76 0.98
N MET B 66 5.62 -6.05 0.69
CA MET B 66 6.34 -5.30 -0.34
C MET B 66 5.68 -5.57 -1.68
N ALA B 67 5.35 -6.82 -1.96
CA ALA B 67 4.69 -7.15 -3.21
C ALA B 67 3.40 -6.36 -3.35
N THR B 68 2.68 -6.23 -2.23
CA THR B 68 1.41 -5.51 -2.23
C THR B 68 1.57 -4.03 -2.57
N LEU B 69 2.56 -3.37 -1.99
CA LEU B 69 2.76 -1.96 -2.27
C LEU B 69 2.98 -1.77 -3.77
N PHE B 70 3.77 -2.64 -4.37
CA PHE B 70 4.03 -2.55 -5.79
C PHE B 70 2.75 -2.82 -6.57
N ALA B 71 1.98 -3.81 -6.15
CA ALA B 71 0.72 -4.14 -6.80
C ALA B 71 -0.23 -2.95 -6.71
N LEU B 72 -0.25 -2.30 -5.54
CA LEU B 72 -1.10 -1.14 -5.32
C LEU B 72 -0.60 0.05 -6.14
N ASP B 73 0.70 0.10 -6.39
CA ASP B 73 1.26 1.17 -7.20
C ASP B 73 0.71 1.02 -8.62
N ARG B 74 0.83 -0.19 -9.17
CA ARG B 74 0.34 -0.46 -10.52
C ARG B 74 -1.16 -0.29 -10.65
N ALA B 75 -1.90 -0.66 -9.60
CA ALA B 75 -3.35 -0.53 -9.63
C ALA B 75 -3.77 0.92 -9.79
N GLY B 76 -3.08 1.82 -9.08
CA GLY B 76 -3.40 3.23 -9.19
C GLY B 76 -2.93 3.81 -10.51
N ALA B 77 -2.40 2.95 -11.39
CA ALA B 77 -1.91 3.39 -12.68
C ALA B 77 -2.68 2.74 -13.83
N VAL B 78 -3.74 2.02 -13.50
CA VAL B 78 -4.56 1.34 -14.50
C VAL B 78 -5.10 2.30 -15.56
N HIS B 79 -5.66 3.42 -15.13
CA HIS B 79 -6.22 4.38 -16.07
C HIS B 79 -5.17 4.98 -16.99
N THR B 80 -3.96 5.20 -16.46
CA THR B 80 -2.88 5.76 -17.25
C THR B 80 -2.38 4.80 -18.32
N ILE B 81 -2.17 3.54 -17.94
CA ILE B 81 -1.71 2.52 -18.87
C ILE B 81 -2.71 2.37 -20.01
N GLN B 82 -3.97 2.63 -19.72
CA GLN B 82 -5.02 2.54 -20.72
C GLN B 82 -5.07 3.82 -21.54
N GLY B 83 -4.66 4.92 -20.91
CA GLY B 83 -4.65 6.20 -21.59
C GLY B 83 -3.51 6.20 -22.59
N LEU B 84 -2.41 5.56 -22.24
CA LEU B 84 -1.25 5.47 -23.12
C LEU B 84 -1.56 4.52 -24.27
N CYS B 85 -2.15 3.38 -23.94
CA CYS B 85 -2.51 2.38 -24.93
C CYS B 85 -3.45 2.93 -25.99
N ARG B 86 -4.14 4.02 -25.68
CA ARG B 86 -5.07 4.61 -26.62
C ARG B 86 -4.44 5.74 -27.43
N GLY B 87 -3.49 6.44 -26.84
CA GLY B 87 -2.83 7.54 -27.52
C GLY B 87 -1.56 7.21 -28.28
N TYR B 88 -1.10 5.97 -28.19
CA TYR B 88 0.11 5.54 -28.88
C TYR B 88 -0.04 4.11 -29.40
N ASP B 89 0.69 3.79 -30.46
CA ASP B 89 0.61 2.46 -31.05
C ASP B 89 1.33 1.43 -30.18
N VAL B 90 2.35 1.87 -29.46
CA VAL B 90 3.10 0.95 -28.60
C VAL B 90 3.42 1.50 -27.22
N VAL B 91 3.05 0.75 -26.18
CA VAL B 91 3.33 1.16 -24.80
C VAL B 91 4.39 0.21 -24.26
N ILE B 92 5.50 0.77 -23.80
CA ILE B 92 6.59 -0.03 -23.25
C ILE B 92 6.72 0.21 -21.75
N LEU B 93 6.66 -0.86 -20.98
CA LEU B 93 6.77 -0.73 -19.54
C LEU B 93 8.09 -1.26 -19.00
N ASP B 94 8.76 -0.44 -18.21
CA ASP B 94 10.03 -0.80 -17.59
C ASP B 94 9.65 -1.47 -16.27
N ARG B 95 9.53 -2.80 -16.30
CA ARG B 95 9.11 -3.61 -15.15
C ARG B 95 7.59 -3.58 -15.06
N TYR B 96 6.98 -4.73 -14.79
CA TYR B 96 5.53 -4.80 -14.68
C TYR B 96 5.16 -5.86 -13.64
N VAL B 97 4.01 -6.52 -13.82
CA VAL B 97 3.55 -7.54 -12.88
C VAL B 97 4.55 -8.68 -12.62
N ALA B 98 5.23 -9.15 -13.66
CA ALA B 98 6.19 -10.24 -13.54
C ALA B 98 7.33 -9.94 -12.56
N SER B 99 7.72 -8.68 -12.45
CA SER B 99 8.79 -8.32 -11.53
C SER B 99 8.38 -8.80 -10.15
N ASN B 100 7.12 -8.53 -9.81
CA ASN B 100 6.58 -8.90 -8.53
C ASN B 100 6.56 -10.40 -8.30
N ALA B 101 6.31 -11.15 -9.37
CA ALA B 101 6.26 -12.59 -9.26
C ALA B 101 7.65 -13.20 -9.11
N ALA B 102 8.61 -12.65 -9.84
CA ALA B 102 9.99 -13.15 -9.78
C ALA B 102 10.69 -12.84 -8.46
N TYR B 103 10.62 -11.60 -8.01
CA TYR B 103 11.25 -11.21 -6.76
C TYR B 103 10.59 -11.83 -5.52
N SER B 104 9.27 -11.79 -5.47
CA SER B 104 8.55 -12.37 -4.34
C SER B 104 8.87 -13.85 -4.17
N ALA B 105 8.87 -14.60 -5.27
CA ALA B 105 9.17 -16.04 -5.20
C ALA B 105 10.62 -16.24 -4.79
N ALA B 106 11.48 -15.40 -5.35
CA ALA B 106 12.90 -15.46 -5.05
C ALA B 106 13.12 -15.23 -3.55
N ARG B 107 12.49 -14.20 -3.00
CA ARG B 107 12.65 -13.92 -1.57
C ARG B 107 12.21 -15.09 -0.71
N LEU B 108 11.31 -15.93 -1.23
CA LEU B 108 10.80 -17.07 -0.48
C LEU B 108 11.45 -18.40 -0.82
N HIS B 109 12.46 -18.37 -1.68
CA HIS B 109 13.13 -19.58 -2.12
C HIS B 109 12.08 -20.50 -2.76
N GLU B 110 11.17 -19.90 -3.52
CA GLU B 110 10.15 -20.64 -4.24
C GLU B 110 10.44 -20.51 -5.72
N ASN B 111 9.81 -21.37 -6.52
CA ASN B 111 10.00 -21.30 -7.96
C ASN B 111 8.67 -20.83 -8.56
N ALA B 112 8.52 -20.95 -9.87
CA ALA B 112 7.31 -20.52 -10.56
C ALA B 112 6.08 -21.32 -10.17
N ALA B 113 6.27 -22.50 -9.60
CA ALA B 113 5.15 -23.33 -9.19
C ALA B 113 4.74 -23.08 -7.74
N GLY B 114 5.32 -22.03 -7.14
CA GLY B 114 5.02 -21.70 -5.75
C GLY B 114 3.78 -20.85 -5.55
N LYS B 115 3.42 -20.63 -4.29
CA LYS B 115 2.23 -19.84 -3.97
C LYS B 115 2.36 -18.37 -4.32
N ALA B 116 3.53 -17.79 -4.09
CA ALA B 116 3.75 -16.37 -4.36
C ALA B 116 3.49 -16.00 -5.81
N ALA B 117 3.98 -16.80 -6.74
CA ALA B 117 3.78 -16.53 -8.16
C ALA B 117 2.30 -16.58 -8.51
N ALA B 118 1.60 -17.58 -7.99
CA ALA B 118 0.17 -17.71 -8.25
C ALA B 118 -0.59 -16.57 -7.58
N TRP B 119 -0.17 -16.20 -6.37
CA TRP B 119 -0.80 -15.12 -5.63
C TRP B 119 -0.69 -13.83 -6.43
N VAL B 120 0.52 -13.53 -6.91
CA VAL B 120 0.75 -12.31 -7.69
C VAL B 120 -0.20 -12.33 -8.89
N GLN B 121 -0.28 -13.49 -9.53
CA GLN B 121 -1.13 -13.70 -10.69
C GLN B 121 -2.57 -13.25 -10.40
N ARG B 122 -3.19 -13.85 -9.39
CA ARG B 122 -4.57 -13.54 -9.03
C ARG B 122 -4.84 -12.10 -8.62
N ILE B 123 -4.03 -11.57 -7.69
CA ILE B 123 -4.25 -10.21 -7.22
C ILE B 123 -4.03 -9.11 -8.24
N GLU B 124 -2.95 -9.20 -9.01
CA GLU B 124 -2.65 -8.18 -10.00
C GLU B 124 -3.51 -8.22 -11.26
N PHE B 125 -3.53 -9.37 -11.93
CA PHE B 125 -4.30 -9.50 -13.16
C PHE B 125 -5.79 -9.67 -12.89
N ALA B 126 -6.16 -10.73 -12.18
CA ALA B 126 -7.57 -10.97 -11.88
C ALA B 126 -8.22 -9.86 -11.07
N ARG B 127 -7.94 -9.83 -9.78
CA ARG B 127 -8.53 -8.85 -8.88
C ARG B 127 -8.35 -7.36 -9.21
N LEU B 128 -7.11 -6.91 -9.35
CA LEU B 128 -6.85 -5.50 -9.63
C LEU B 128 -7.06 -5.14 -11.09
N GLY B 129 -7.30 -6.17 -11.91
CA GLY B 129 -7.54 -5.94 -13.32
C GLY B 129 -6.46 -5.19 -14.07
N LEU B 130 -5.21 -5.56 -13.86
CA LEU B 130 -4.13 -4.90 -14.57
C LEU B 130 -4.10 -5.46 -15.98
N PRO B 131 -4.00 -4.58 -16.99
CA PRO B 131 -3.97 -5.07 -18.38
C PRO B 131 -2.81 -6.01 -18.64
N LYS B 132 -3.11 -7.20 -19.16
CA LYS B 132 -2.08 -8.16 -19.46
C LYS B 132 -1.34 -7.66 -20.68
N PRO B 133 0.01 -7.73 -20.66
CA PRO B 133 0.80 -7.25 -21.79
C PRO B 133 0.87 -8.32 -22.88
N ASP B 134 0.87 -7.87 -24.14
CA ASP B 134 0.93 -8.81 -25.25
C ASP B 134 2.31 -9.47 -25.25
N TRP B 135 3.31 -8.72 -24.84
CA TRP B 135 4.67 -9.24 -24.80
C TRP B 135 5.42 -8.98 -23.49
N GLN B 136 6.03 -10.02 -22.96
CA GLN B 136 6.85 -9.89 -21.77
C GLN B 136 8.26 -10.28 -22.26
N VAL B 137 9.15 -9.31 -22.27
CA VAL B 137 10.51 -9.51 -22.74
C VAL B 137 11.53 -9.58 -21.61
N LEU B 138 12.04 -10.79 -21.36
CA LEU B 138 13.03 -11.01 -20.33
C LEU B 138 14.41 -10.69 -20.90
N LEU B 139 15.07 -9.72 -20.30
CA LEU B 139 16.41 -9.32 -20.73
C LEU B 139 17.41 -10.06 -19.84
N ALA B 140 17.83 -11.24 -20.28
CA ALA B 140 18.79 -12.06 -19.52
C ALA B 140 20.19 -11.47 -19.57
N VAL B 141 20.89 -11.53 -18.43
N VAL B 141 20.89 -11.53 -18.43
CA VAL B 141 22.25 -11.01 -18.31
CA VAL B 141 22.24 -10.99 -18.30
C VAL B 141 23.04 -11.76 -17.26
C VAL B 141 23.04 -11.76 -17.26
N SER B 142 24.37 -11.66 -17.33
CA SER B 142 25.24 -12.34 -16.38
C SER B 142 24.97 -11.79 -15.00
N ALA B 143 24.91 -12.69 -14.01
CA ALA B 143 24.65 -12.31 -12.63
C ALA B 143 25.84 -11.54 -12.10
N GLU B 144 27.03 -11.88 -12.56
CA GLU B 144 28.26 -11.21 -12.14
C GLU B 144 28.27 -9.80 -12.66
N LEU B 145 27.98 -9.67 -13.94
CA LEU B 145 27.98 -8.38 -14.63
C LEU B 145 26.88 -7.47 -14.09
N ALA B 146 25.72 -8.05 -13.80
CA ALA B 146 24.60 -7.27 -13.28
C ALA B 146 24.91 -6.75 -11.88
N GLY B 147 25.53 -7.61 -11.07
CA GLY B 147 25.87 -7.22 -9.71
C GLY B 147 26.94 -6.14 -9.64
N GLU B 148 27.89 -6.19 -10.57
CA GLU B 148 28.96 -5.22 -10.60
C GLU B 148 28.42 -3.86 -11.03
N ARG B 149 27.44 -3.87 -11.93
CA ARG B 149 26.83 -2.64 -12.42
C ARG B 149 26.22 -1.86 -11.25
N SER B 150 25.61 -2.60 -10.32
CA SER B 150 24.96 -2.00 -9.16
C SER B 150 25.96 -1.63 -8.07
N ARG B 151 27.01 -2.42 -7.92
CA ARG B 151 28.01 -2.12 -6.90
C ARG B 151 28.68 -0.80 -7.30
N GLY B 152 28.63 -0.49 -8.60
CA GLY B 152 29.21 0.73 -9.09
C GLY B 152 28.16 1.76 -9.46
N ALA B 161 22.75 4.66 -2.10
CA ALA B 161 23.41 3.37 -2.01
C ALA B 161 22.53 2.27 -2.61
N ARG B 162 22.83 1.02 -2.26
CA ARG B 162 22.06 -0.11 -2.75
C ARG B 162 21.10 -0.55 -1.64
N ASP B 163 19.87 -0.89 -2.02
CA ASP B 163 18.88 -1.32 -1.04
C ASP B 163 19.05 -2.79 -0.68
N ASN B 164 18.24 -3.26 0.26
CA ASN B 164 18.29 -4.65 0.72
C ASN B 164 18.16 -5.70 -0.39
N TYR B 165 17.56 -5.34 -1.51
CA TYR B 165 17.41 -6.27 -2.63
C TYR B 165 18.68 -6.32 -3.49
N GLU B 166 19.26 -5.14 -3.76
CA GLU B 166 20.46 -5.04 -4.58
C GLU B 166 21.69 -5.67 -3.94
N ARG B 167 21.80 -5.58 -2.61
CA ARG B 167 22.94 -6.14 -1.90
C ARG B 167 22.85 -7.66 -1.84
N ASP B 168 21.64 -8.18 -2.00
CA ASP B 168 21.40 -9.61 -1.94
C ASP B 168 21.75 -10.29 -3.26
N ALA B 169 23.00 -10.75 -3.38
CA ALA B 169 23.46 -11.42 -4.58
C ALA B 169 22.72 -12.71 -4.87
N GLU B 170 22.34 -13.45 -3.82
CA GLU B 170 21.61 -14.69 -4.04
C GLU B 170 20.17 -14.41 -4.44
N LEU B 171 19.62 -13.31 -3.96
CA LEU B 171 18.25 -12.96 -4.31
C LEU B 171 18.18 -12.69 -5.82
N GLN B 172 19.13 -11.90 -6.33
CA GLN B 172 19.17 -11.56 -7.75
C GLN B 172 19.35 -12.79 -8.64
N GLN B 173 20.07 -13.80 -8.17
CA GLN B 173 20.28 -15.01 -8.97
C GLN B 173 19.01 -15.85 -8.97
N ARG B 174 18.38 -16.00 -7.81
CA ARG B 174 17.14 -16.76 -7.76
C ARG B 174 16.07 -16.04 -8.55
N THR B 175 16.12 -14.71 -8.56
CA THR B 175 15.13 -13.94 -9.29
C THR B 175 15.31 -14.19 -10.79
N GLY B 176 16.57 -14.33 -11.23
CA GLY B 176 16.84 -14.60 -12.62
C GLY B 176 16.29 -15.98 -12.97
N ALA B 177 16.58 -16.96 -12.11
CA ALA B 177 16.10 -18.32 -12.33
C ALA B 177 14.58 -18.42 -12.43
N VAL B 178 13.87 -17.79 -11.49
CA VAL B 178 12.41 -17.81 -11.52
C VAL B 178 11.92 -17.12 -12.79
N TYR B 179 12.55 -16.00 -13.13
CA TYR B 179 12.18 -15.27 -14.34
C TYR B 179 12.21 -16.20 -15.55
N ALA B 180 13.31 -16.93 -15.70
CA ALA B 180 13.47 -17.85 -16.82
C ALA B 180 12.34 -18.87 -16.83
N GLU B 181 11.88 -19.30 -15.66
CA GLU B 181 10.80 -20.27 -15.60
C GLU B 181 9.52 -19.61 -16.08
N LEU B 182 9.29 -18.39 -15.62
CA LEU B 182 8.10 -17.65 -16.00
C LEU B 182 8.02 -17.56 -17.52
N ALA B 183 9.07 -17.03 -18.13
CA ALA B 183 9.11 -16.89 -19.58
C ALA B 183 8.96 -18.23 -20.28
N ALA B 184 9.59 -19.26 -19.71
CA ALA B 184 9.55 -20.60 -20.26
C ALA B 184 8.17 -21.23 -20.31
N GLN B 185 7.32 -20.87 -19.35
CA GLN B 185 5.98 -21.44 -19.31
C GLN B 185 4.91 -20.44 -19.75
N GLY B 186 5.34 -19.27 -20.20
CA GLY B 186 4.40 -18.25 -20.66
C GLY B 186 3.53 -17.68 -19.56
N TRP B 187 4.10 -17.53 -18.37
CA TRP B 187 3.37 -16.99 -17.24
C TRP B 187 2.80 -15.62 -17.59
N GLY B 188 1.47 -15.50 -17.54
CA GLY B 188 0.82 -14.23 -17.83
C GLY B 188 0.72 -13.84 -19.29
N GLY B 189 1.20 -14.69 -20.19
CA GLY B 189 1.13 -14.35 -21.60
C GLY B 189 2.40 -14.75 -22.32
N ARG B 190 2.57 -14.26 -23.55
CA ARG B 190 3.74 -14.59 -24.35
C ARG B 190 4.97 -13.77 -23.99
N TRP B 191 6.10 -14.47 -23.87
CA TRP B 191 7.38 -13.86 -23.52
C TRP B 191 8.36 -13.97 -24.69
N LEU B 192 9.49 -13.30 -24.53
CA LEU B 192 10.58 -13.31 -25.50
C LEU B 192 11.83 -13.07 -24.64
N VAL B 193 12.78 -14.00 -24.70
CA VAL B 193 14.00 -13.84 -23.91
C VAL B 193 15.10 -13.30 -24.80
N VAL B 194 15.70 -12.18 -24.41
CA VAL B 194 16.77 -11.58 -25.21
C VAL B 194 18.04 -11.29 -24.42
N GLY B 195 19.13 -11.11 -25.15
CA GLY B 195 20.42 -10.80 -24.55
C GLY B 195 20.65 -9.30 -24.58
N ALA B 196 21.72 -8.85 -23.95
CA ALA B 196 22.02 -7.42 -23.89
C ALA B 196 22.41 -6.83 -25.24
N ASP B 197 22.93 -7.66 -26.14
CA ASP B 197 23.36 -7.20 -27.45
C ASP B 197 22.30 -7.33 -28.54
N VAL B 198 21.09 -7.73 -28.16
CA VAL B 198 19.99 -7.89 -29.11
C VAL B 198 19.84 -6.66 -30.00
N ASP B 199 19.55 -6.87 -31.28
CA ASP B 199 19.39 -5.76 -32.21
C ASP B 199 17.99 -5.16 -32.06
N PRO B 200 17.91 -3.86 -31.76
CA PRO B 200 16.64 -3.15 -31.60
C PRO B 200 15.69 -3.38 -32.76
N GLY B 201 16.12 -2.98 -33.96
CA GLY B 201 15.30 -3.13 -35.14
C GLY B 201 14.72 -4.53 -35.26
N ARG B 202 15.58 -5.54 -35.21
CA ARG B 202 15.14 -6.92 -35.32
C ARG B 202 14.07 -7.24 -34.26
N LEU B 203 14.35 -6.88 -33.02
CA LEU B 203 13.40 -7.14 -31.93
C LEU B 203 12.08 -6.43 -32.17
N ALA B 204 12.15 -5.13 -32.46
CA ALA B 204 10.96 -4.33 -32.72
C ALA B 204 10.15 -4.97 -33.85
N ALA B 205 10.84 -5.39 -34.90
CA ALA B 205 10.20 -6.01 -36.04
C ALA B 205 9.49 -7.29 -35.60
N THR B 206 10.13 -8.03 -34.69
CA THR B 206 9.56 -9.27 -34.19
C THR B 206 8.33 -9.00 -33.35
N LEU B 207 8.44 -8.09 -32.39
CA LEU B 207 7.34 -7.75 -31.50
C LEU B 207 6.14 -7.16 -32.25
N ALA B 208 6.43 -6.27 -33.20
CA ALA B 208 5.35 -5.67 -33.98
C ALA B 208 5.65 -5.85 -35.46
N PRO B 209 6.50 -5.08 -35.98
P ATM C . -12.28 -2.80 12.76
OP1 ATM C . -12.79 -1.59 13.44
OP2 ATM C . -12.60 -2.98 11.31
OP3 ATM C . -12.71 -4.10 13.56
O5' ATM C . -10.71 -2.96 13.01
C5' ATM C . -10.02 -4.07 12.35
C4' ATM C . -8.54 -4.14 12.81
O4' ATM C . -7.48 -3.30 12.35
C3' ATM C . -8.57 -4.05 14.29
N3' ATM C . -7.85 -5.23 14.86
N4' ATM C . -8.59 -6.22 14.99
N5' ATM C . -8.96 -7.29 15.23
C2' ATM C . -7.94 -2.65 14.59
C1' ATM C . -7.08 -2.41 13.35
N1 ATM C . -6.92 -1.05 12.75
C2 ATM C . -5.56 -0.56 12.77
O2 ATM C . -4.63 -1.22 13.25
N3 ATM C . -5.40 0.68 12.23
C4 ATM C . -6.47 1.42 11.70
O4 ATM C . -6.18 2.63 11.21
C5 ATM C . -7.86 0.87 11.69
C5A ATM C . -8.97 1.70 11.12
C6 ATM C . -8.04 -0.40 12.24
P ATM D . -17.38 -1.01 18.28
OP1 ATM D . -16.26 -0.17 18.70
OP2 ATM D . -17.08 -2.08 17.30
OP3 ATM D . -18.62 -0.12 17.75
O5' ATM D . -18.07 -1.71 19.56
C5' ATM D . -19.23 -2.58 19.39
C4' ATM D . -19.59 -3.11 20.81
O4' ATM D . -20.67 -2.55 21.56
C3' ATM D . -19.86 -4.57 20.70
N3' ATM D . -19.16 -5.36 21.79
C2' ATM D . -21.40 -4.69 20.76
C1' ATM D . -21.77 -3.43 21.60
N1 ATM D . -23.01 -2.60 21.32
C2 ATM D . -23.25 -1.46 22.19
O2 ATM D . -22.49 -1.15 23.12
N3 ATM D . -24.39 -0.76 21.89
C4 ATM D . -25.25 -1.12 20.83
O4 ATM D . -26.37 -0.37 20.61
C5 ATM D . -24.95 -2.31 19.96
C5A ATM D . -25.88 -2.67 18.84
C6 ATM D . -23.79 -3.02 20.26
C ACT E . -16.64 -0.60 18.59
O ACT E . -15.88 -1.60 18.26
OXT ACT E . -16.38 0.29 19.47
CH3 ACT E . -17.95 -0.38 17.93
C ACT F . 9.20 9.02 7.21
O ACT F . 9.47 8.02 8.00
OXT ACT F . 8.66 8.94 6.06
CH3 ACT F . 9.51 10.41 7.58
C ACT G . 18.66 -1.41 -15.57
O ACT G . 19.92 -1.16 -15.83
OXT ACT G . 17.66 -0.70 -15.91
CH3 ACT G . 18.25 -2.61 -14.81
P ATM H . 13.73 -0.70 -9.56
OP1 ATM H . 13.73 -1.25 -10.92
OP2 ATM H . 12.91 0.49 -9.27
OP3 ATM H . 15.23 -0.45 -9.05
O5' ATM H . 13.37 -1.87 -8.53
C5' ATM H . 13.28 -1.51 -7.12
C4' ATM H . 13.03 -2.77 -6.23
O4' ATM H . 11.76 -3.38 -6.02
C3' ATM H . 13.94 -3.85 -6.73
N3' ATM H . 14.75 -4.44 -5.61
C2' ATM H . 12.98 -4.85 -7.45
C1' ATM H . 11.68 -4.63 -6.68
N1 ATM H . 10.33 -4.70 -7.34
C2 ATM H . 9.57 -5.90 -7.03
O2 ATM H . 9.99 -6.77 -6.28
N3 ATM H . 8.34 -5.96 -7.63
C4 ATM H . 7.88 -4.95 -8.50
O4 ATM H . 6.66 -5.11 -9.05
C5 ATM H . 8.71 -3.74 -8.79
C5A ATM H . 8.17 -2.69 -9.70
C6 ATM H . 9.95 -3.67 -8.17
#